data_3VJZ
#
_entry.id   3VJZ
#
_cell.length_a   43.878
_cell.length_b   65.309
_cell.length_c   59.094
_cell.angle_alpha   90.00
_cell.angle_beta   99.70
_cell.angle_gamma   90.00
#
_symmetry.space_group_name_H-M   'P 1 21 1'
#
loop_
_entity.id
_entity.type
_entity.pdbx_description
1 polymer 'Putative uncharacterized protein'
2 water water
#
_entity_poly.entity_id   1
_entity_poly.type   'polypeptide(L)'
_entity_poly.pdbx_seq_one_letter_code
;HMTALTLPEDIRQQEPSALLYTLVSAYLEHTAQTGDESLSCLSDDQHTLTAFCYLDSQVEEGGFVQLIASGYGEYIFRNP
LADSLRRWKIKAVPKVLDKAKALYEQHGKTIETLADGGADIPSLRKQFPEFEEWDGAYYEAAEQDLPLLAEHIQSNWETF
AHIGQA
;
_entity_poly.pdbx_strand_id   A,B
#
# COMPACT_ATOMS: atom_id res chain seq x y z
N HIS A 1 4.75 -20.02 13.05
CA HIS A 1 3.82 -19.31 12.11
C HIS A 1 3.50 -17.86 12.55
N MET A 2 4.32 -16.90 12.12
CA MET A 2 4.11 -15.48 12.46
C MET A 2 2.71 -14.96 12.17
N THR A 3 2.22 -14.10 13.08
CA THR A 3 0.91 -13.50 12.99
C THR A 3 1.01 -12.02 13.31
N ALA A 4 2.25 -11.55 13.42
CA ALA A 4 2.50 -10.14 13.69
C ALA A 4 3.74 -9.71 12.90
N LEU A 5 3.73 -8.46 12.45
CA LEU A 5 4.86 -7.90 11.71
C LEU A 5 5.38 -6.78 12.59
N THR A 6 6.70 -6.61 12.61
CA THR A 6 7.27 -5.51 13.37
C THR A 6 8.31 -4.88 12.43
N LEU A 7 8.00 -3.69 11.92
CA LEU A 7 8.89 -3.05 10.99
C LEU A 7 10.18 -2.54 11.67
N PRO A 8 11.35 -2.91 11.13
CA PRO A 8 12.63 -2.48 11.73
C PRO A 8 12.79 -0.94 11.71
N GLU A 9 13.45 -0.38 12.73
CA GLU A 9 13.67 1.09 12.85
C GLU A 9 14.34 1.72 11.64
N ASP A 10 15.08 0.89 10.90
CA ASP A 10 15.81 1.36 9.75
C ASP A 10 14.87 2.00 8.68
N ILE A 11 13.63 1.52 8.64
CA ILE A 11 12.68 2.05 7.70
C ILE A 11 12.39 3.56 7.94
N ARG A 12 12.58 4.05 9.16
CA ARG A 12 12.37 5.48 9.48
C ARG A 12 13.23 6.36 8.57
N GLN A 13 14.33 5.81 8.08
CA GLN A 13 15.23 6.55 7.22
C GLN A 13 14.78 6.75 5.75
N GLN A 14 13.71 6.07 5.32
CA GLN A 14 13.23 6.21 3.94
C GLN A 14 12.61 7.55 3.64
N GLU A 15 12.65 7.93 2.36
CA GLU A 15 12.06 9.18 1.91
C GLU A 15 10.57 9.01 2.10
N PRO A 16 9.84 10.13 2.22
CA PRO A 16 8.39 10.03 2.47
C PRO A 16 7.52 9.08 1.65
N SER A 17 7.62 9.14 0.33
CA SER A 17 6.82 8.28 -0.54
C SER A 17 7.12 6.80 -0.32
N ALA A 18 8.40 6.46 -0.26
CA ALA A 18 8.78 5.07 -0.05
C ALA A 18 8.31 4.64 1.36
N LEU A 19 8.40 5.53 2.35
CA LEU A 19 7.96 5.19 3.69
C LEU A 19 6.44 4.81 3.70
N LEU A 20 5.61 5.64 3.09
CA LEU A 20 4.18 5.35 3.05
C LEU A 20 3.91 4.07 2.32
N TYR A 21 4.61 3.84 1.20
CA TYR A 21 4.37 2.59 0.44
C TYR A 21 4.77 1.40 1.29
N THR A 22 5.87 1.50 2.03
CA THR A 22 6.30 0.42 2.92
C THR A 22 5.22 0.12 3.97
N LEU A 23 4.69 1.17 4.58
CA LEU A 23 3.71 0.98 5.66
C LEU A 23 2.41 0.44 5.14
N VAL A 24 1.86 1.00 4.05
CA VAL A 24 0.57 0.44 3.57
C VAL A 24 0.74 -0.97 3.05
N SER A 25 1.87 -1.27 2.39
CA SER A 25 2.08 -2.66 1.91
C SER A 25 2.20 -3.65 3.05
N ALA A 26 2.85 -3.25 4.15
CA ALA A 26 2.99 -4.14 5.31
C ALA A 26 1.63 -4.30 6.04
N TYR A 27 0.90 -3.21 6.23
CA TYR A 27 -0.41 -3.31 6.88
C TYR A 27 -1.30 -4.23 6.07
N LEU A 28 -1.24 -4.10 4.74
CA LEU A 28 -2.11 -4.92 3.92
C LEU A 28 -1.65 -6.37 3.91
N GLU A 29 -0.34 -6.60 3.81
CA GLU A 29 0.16 -7.97 3.84
C GLU A 29 -0.33 -8.67 5.13
N HIS A 30 -0.22 -7.99 6.26
CA HIS A 30 -0.70 -8.59 7.52
C HIS A 30 -2.22 -8.83 7.48
N THR A 31 -2.96 -7.82 6.98
CA THR A 31 -4.41 -7.94 6.87
C THR A 31 -4.83 -9.11 5.95
N ALA A 32 -4.20 -9.22 4.79
CA ALA A 32 -4.53 -10.26 3.84
C ALA A 32 -4.16 -11.68 4.34
N GLN A 33 -2.90 -11.86 4.72
CA GLN A 33 -2.41 -13.15 5.15
C GLN A 33 -2.99 -13.69 6.48
N THR A 34 -3.20 -12.81 7.44
CA THR A 34 -3.70 -13.21 8.73
C THR A 34 -5.19 -12.90 8.95
N GLY A 35 -5.68 -11.78 8.45
CA GLY A 35 -7.09 -11.47 8.67
C GLY A 35 -8.02 -12.02 7.58
N ASP A 36 -7.49 -12.28 6.38
CA ASP A 36 -8.30 -12.76 5.26
C ASP A 36 -7.85 -14.12 4.74
N GLU A 37 -7.53 -15.01 5.66
CA GLU A 37 -7.11 -16.32 5.24
C GLU A 37 -8.27 -17.04 4.50
N SER A 38 -9.50 -16.59 4.73
CA SER A 38 -10.69 -17.19 4.08
C SER A 38 -10.80 -16.75 2.61
N LEU A 39 -10.05 -15.71 2.23
CA LEU A 39 -10.08 -15.16 0.87
C LEU A 39 -11.48 -14.62 0.56
N SER A 40 -12.15 -14.11 1.56
CA SER A 40 -13.48 -13.58 1.31
C SER A 40 -13.46 -12.07 1.09
N CYS A 41 -12.45 -11.38 1.59
CA CYS A 41 -12.38 -9.93 1.41
C CYS A 41 -11.64 -9.60 0.11
N LEU A 42 -10.50 -10.25 -0.10
CA LEU A 42 -9.67 -10.04 -1.29
C LEU A 42 -9.52 -11.40 -1.94
N SER A 43 -9.55 -11.38 -3.25
CA SER A 43 -9.43 -12.61 -4.02
C SER A 43 -8.02 -13.11 -4.01
N ASP A 44 -7.86 -14.39 -4.35
CA ASP A 44 -6.55 -14.96 -4.39
C ASP A 44 -5.59 -14.08 -5.23
N ASP A 45 -5.98 -13.58 -6.41
CA ASP A 45 -5.07 -12.72 -7.20
C ASP A 45 -4.70 -11.39 -6.50
N GLN A 46 -5.63 -10.82 -5.76
CA GLN A 46 -5.32 -9.59 -5.00
C GLN A 46 -4.36 -9.98 -3.86
N HIS A 47 -4.47 -11.21 -3.31
CA HIS A 47 -3.55 -11.68 -2.23
C HIS A 47 -2.16 -11.82 -2.87
N THR A 48 -2.12 -12.35 -4.08
CA THR A 48 -0.81 -12.46 -4.74
C THR A 48 -0.21 -11.06 -4.97
N LEU A 49 -1.02 -10.12 -5.45
CA LEU A 49 -0.46 -8.75 -5.66
C LEU A 49 0.02 -8.14 -4.36
N THR A 50 -0.77 -8.33 -3.31
CA THR A 50 -0.39 -7.84 -1.98
C THR A 50 0.98 -8.41 -1.51
N ALA A 51 1.22 -9.70 -1.73
CA ALA A 51 2.46 -10.32 -1.25
C ALA A 51 3.59 -9.76 -2.09
N PHE A 52 3.31 -9.52 -3.38
CA PHE A 52 4.40 -9.00 -4.21
C PHE A 52 4.74 -7.56 -3.76
N CYS A 53 3.74 -6.76 -3.36
CA CYS A 53 4.05 -5.38 -2.94
C CYS A 53 4.85 -5.33 -1.64
N TYR A 54 4.53 -6.27 -0.75
CA TYR A 54 5.24 -6.40 0.52
C TYR A 54 6.71 -6.81 0.17
N LEU A 55 6.88 -7.85 -0.63
CA LEU A 55 8.21 -8.27 -1.11
C LEU A 55 8.97 -7.08 -1.64
N ASP A 56 8.36 -6.40 -2.62
CA ASP A 56 9.02 -5.30 -3.33
C ASP A 56 9.39 -4.11 -2.46
N SER A 57 8.44 -3.67 -1.65
CA SER A 57 8.67 -2.49 -0.82
C SER A 57 9.76 -2.80 0.23
N GLN A 58 9.83 -4.04 0.71
CA GLN A 58 10.81 -4.41 1.72
C GLN A 58 12.19 -4.56 1.06
N VAL A 59 12.23 -5.31 -0.04
CA VAL A 59 13.54 -5.59 -0.60
C VAL A 59 14.19 -4.43 -1.30
N GLU A 60 13.42 -3.61 -2.01
CA GLU A 60 14.02 -2.47 -2.74
C GLU A 60 14.74 -1.56 -1.78
N GLU A 61 14.22 -1.45 -0.57
CA GLU A 61 14.82 -0.54 0.39
C GLU A 61 15.84 -1.11 1.33
N GLY A 62 15.56 -2.28 1.87
CA GLY A 62 16.42 -2.86 2.85
C GLY A 62 16.92 -4.25 2.59
N GLY A 63 16.42 -4.88 1.54
CA GLY A 63 16.89 -6.21 1.17
C GLY A 63 16.15 -7.37 1.78
N PHE A 64 16.52 -8.59 1.38
CA PHE A 64 15.86 -9.76 1.92
C PHE A 64 16.01 -9.90 3.44
N VAL A 65 17.15 -9.49 3.99
CA VAL A 65 17.32 -9.57 5.44
C VAL A 65 16.26 -8.68 6.11
N GLN A 66 16.04 -7.49 5.56
CA GLN A 66 15.00 -6.62 6.14
C GLN A 66 13.61 -7.28 6.04
N LEU A 67 13.30 -7.85 4.88
CA LEU A 67 12.01 -8.52 4.72
C LEU A 67 11.92 -9.61 5.75
N ILE A 68 12.96 -10.44 5.87
CA ILE A 68 12.88 -11.52 6.83
C ILE A 68 12.78 -11.02 8.29
N ALA A 69 13.48 -9.94 8.59
CA ALA A 69 13.46 -9.39 9.93
C ALA A 69 12.06 -8.75 10.22
N SER A 70 11.44 -8.14 9.20
CA SER A 70 10.11 -7.49 9.38
C SER A 70 9.06 -8.55 9.73
N GLY A 71 9.19 -9.68 9.07
CA GLY A 71 8.30 -10.80 9.31
C GLY A 71 7.68 -11.31 8.01
N TYR A 72 7.04 -12.46 8.13
CA TYR A 72 6.32 -13.03 7.02
C TYR A 72 7.12 -13.59 5.85
N GLY A 73 8.42 -13.79 6.06
CA GLY A 73 9.24 -14.35 5.00
C GLY A 73 8.74 -15.74 4.68
N GLU A 74 8.13 -16.41 5.67
CA GLU A 74 7.67 -17.75 5.40
C GLU A 74 6.60 -17.76 4.31
N TYR A 75 5.73 -16.75 4.32
CA TYR A 75 4.66 -16.66 3.35
C TYR A 75 5.15 -16.26 1.99
N ILE A 76 6.25 -15.51 1.96
CA ILE A 76 6.81 -15.07 0.71
C ILE A 76 7.55 -16.21 0.03
N PHE A 77 8.24 -17.03 0.82
CA PHE A 77 9.04 -18.13 0.27
C PHE A 77 8.38 -19.50 0.24
N ARG A 78 7.55 -19.82 1.24
CA ARG A 78 6.95 -21.15 1.30
C ARG A 78 5.60 -21.22 0.67
N ASN A 79 4.95 -20.09 0.53
CA ASN A 79 3.68 -20.09 -0.17
C ASN A 79 4.15 -19.97 -1.65
N PRO A 80 3.32 -20.42 -2.61
CA PRO A 80 3.71 -20.34 -4.02
C PRO A 80 3.61 -18.95 -4.68
N LEU A 81 4.29 -17.96 -4.12
CA LEU A 81 4.27 -16.62 -4.71
C LEU A 81 5.02 -16.64 -6.05
N ALA A 82 6.18 -17.26 -6.08
CA ALA A 82 6.95 -17.34 -7.33
C ALA A 82 6.12 -18.02 -8.41
N ASP A 83 5.42 -19.09 -8.06
CA ASP A 83 4.64 -19.79 -9.07
C ASP A 83 3.43 -19.00 -9.47
N SER A 84 2.87 -18.22 -8.54
CA SER A 84 1.72 -17.42 -8.92
C SER A 84 2.13 -16.30 -9.87
N LEU A 85 3.33 -15.74 -9.68
CA LEU A 85 3.86 -14.71 -10.58
C LEU A 85 4.19 -15.33 -11.93
N ARG A 86 4.71 -16.58 -11.93
CA ARG A 86 5.03 -17.23 -13.21
C ARG A 86 3.79 -17.41 -14.11
N ARG A 87 2.61 -17.61 -13.51
CA ARG A 87 1.37 -17.72 -14.29
C ARG A 87 1.00 -16.36 -14.88
N TRP A 88 1.64 -15.30 -14.40
CA TRP A 88 1.33 -13.99 -14.93
C TRP A 88 2.43 -13.61 -15.93
N LYS A 89 3.20 -14.61 -16.36
CA LYS A 89 4.27 -14.38 -17.32
C LYS A 89 5.43 -13.49 -16.81
N ILE A 90 5.65 -13.51 -15.50
CA ILE A 90 6.71 -12.75 -14.83
C ILE A 90 7.73 -13.82 -14.40
N LYS A 91 8.93 -13.80 -14.96
CA LYS A 91 9.95 -14.83 -14.68
C LYS A 91 11.21 -14.48 -13.89
N ALA A 92 11.69 -13.26 -14.04
CA ALA A 92 12.92 -12.86 -13.38
C ALA A 92 12.77 -12.80 -11.83
N VAL A 93 11.72 -12.17 -11.32
CA VAL A 93 11.57 -12.10 -9.82
C VAL A 93 11.40 -13.54 -9.27
N PRO A 94 10.58 -14.36 -9.93
CA PRO A 94 10.46 -15.72 -9.40
C PRO A 94 11.80 -16.45 -9.33
N LYS A 95 12.69 -16.23 -10.32
CA LYS A 95 13.99 -16.93 -10.32
C LYS A 95 14.76 -16.48 -9.08
N VAL A 96 14.69 -15.19 -8.77
CA VAL A 96 15.37 -14.70 -7.56
C VAL A 96 14.74 -15.30 -6.28
N LEU A 97 13.42 -15.36 -6.22
CA LEU A 97 12.76 -15.88 -5.02
C LEU A 97 13.21 -17.29 -4.79
N ASP A 98 13.28 -18.07 -5.86
CA ASP A 98 13.74 -19.46 -5.72
C ASP A 98 15.14 -19.54 -5.10
N LYS A 99 16.06 -18.65 -5.49
CA LYS A 99 17.38 -18.64 -4.88
C LYS A 99 17.30 -18.17 -3.44
N ALA A 100 16.62 -17.07 -3.18
CA ALA A 100 16.53 -16.57 -1.81
C ALA A 100 15.83 -17.57 -0.89
N LYS A 101 14.94 -18.40 -1.44
CA LYS A 101 14.23 -19.38 -0.60
C LYS A 101 15.20 -20.35 0.11
N ALA A 102 16.21 -20.81 -0.62
CA ALA A 102 17.21 -21.71 -0.05
C ALA A 102 17.86 -21.10 1.20
N LEU A 103 18.23 -19.83 1.06
CA LEU A 103 18.88 -19.10 2.12
C LEU A 103 17.91 -18.88 3.30
N TYR A 104 16.63 -18.66 3.01
CA TYR A 104 15.59 -18.48 4.05
C TYR A 104 15.50 -19.80 4.83
N GLU A 105 15.52 -20.92 4.08
CA GLU A 105 15.41 -22.21 4.75
C GLU A 105 16.55 -22.42 5.71
N GLN A 106 17.75 -21.98 5.31
CA GLN A 106 18.90 -22.16 6.14
C GLN A 106 19.05 -21.14 7.29
N HIS A 107 18.74 -19.87 7.02
CA HIS A 107 18.96 -18.83 8.02
C HIS A 107 17.77 -18.08 8.50
N GLY A 108 16.61 -18.30 7.90
CA GLY A 108 15.42 -17.56 8.22
C GLY A 108 15.03 -17.51 9.70
N LYS A 109 14.98 -18.66 10.31
CA LYS A 109 14.56 -18.70 11.71
C LYS A 109 15.54 -17.95 12.62
N THR A 110 16.83 -18.09 12.37
CA THR A 110 17.82 -17.39 13.17
C THR A 110 17.59 -15.91 12.98
N ILE A 111 17.38 -15.47 11.74
CA ILE A 111 17.20 -14.04 11.57
C ILE A 111 15.93 -13.52 12.27
N GLU A 112 14.85 -14.26 12.16
CA GLU A 112 13.60 -13.84 12.83
C GLU A 112 13.84 -13.78 14.35
N THR A 113 14.52 -14.80 14.87
CA THR A 113 14.81 -14.85 16.33
C THR A 113 15.67 -13.65 16.76
N LEU A 114 16.72 -13.36 15.98
CA LEU A 114 17.60 -12.26 16.33
C LEU A 114 16.82 -10.95 16.26
N ALA A 115 16.03 -10.76 15.21
CA ALA A 115 15.25 -9.51 15.09
C ALA A 115 14.32 -9.40 16.31
N ASP A 116 13.72 -10.52 16.71
CA ASP A 116 12.80 -10.46 17.88
C ASP A 116 13.57 -10.03 19.13
N GLY A 117 14.83 -10.45 19.20
CA GLY A 117 15.67 -10.16 20.34
C GLY A 117 16.27 -8.76 20.31
N GLY A 118 16.07 -8.02 19.24
CA GLY A 118 16.62 -6.69 19.23
C GLY A 118 17.73 -6.36 18.25
N ALA A 119 18.07 -7.28 17.36
CA ALA A 119 19.14 -7.02 16.41
C ALA A 119 18.72 -6.00 15.39
N ASP A 120 19.64 -5.14 14.96
CA ASP A 120 19.24 -4.21 13.94
C ASP A 120 19.60 -4.73 12.55
N ILE A 121 19.04 -4.10 11.54
CA ILE A 121 19.26 -4.52 10.18
C ILE A 121 20.72 -4.46 9.75
N PRO A 122 21.43 -3.38 10.07
CA PRO A 122 22.82 -3.34 9.64
C PRO A 122 23.64 -4.52 10.18
N SER A 123 23.46 -4.88 11.44
CA SER A 123 24.21 -6.02 11.99
C SER A 123 23.74 -7.33 11.43
N LEU A 124 22.45 -7.46 11.15
CA LEU A 124 21.94 -8.72 10.58
C LEU A 124 22.47 -8.84 9.15
N ARG A 125 22.56 -7.73 8.42
CA ARG A 125 23.10 -7.82 7.05
C ARG A 125 24.61 -8.19 7.13
N LYS A 126 25.29 -7.69 8.14
CA LYS A 126 26.72 -8.06 8.23
C LYS A 126 26.91 -9.58 8.46
N GLN A 127 26.04 -10.18 9.28
CA GLN A 127 26.15 -11.57 9.58
C GLN A 127 25.62 -12.49 8.49
N PHE A 128 24.66 -12.01 7.68
CA PHE A 128 24.07 -12.83 6.64
C PHE A 128 24.22 -12.14 5.29
N PRO A 129 25.46 -11.88 4.90
CA PRO A 129 25.81 -11.22 3.63
C PRO A 129 25.43 -12.03 2.42
N GLU A 130 25.11 -13.32 2.58
CA GLU A 130 24.75 -14.16 1.44
C GLU A 130 23.54 -13.64 0.61
N PHE A 131 22.68 -12.89 1.28
CA PHE A 131 21.48 -12.34 0.65
C PHE A 131 21.76 -11.16 -0.27
N GLU A 132 22.89 -10.49 -0.05
CA GLU A 132 23.25 -9.35 -0.87
C GLU A 132 23.25 -9.61 -2.36
N GLU A 133 23.75 -10.75 -2.79
CA GLU A 133 23.76 -11.12 -4.19
C GLU A 133 22.31 -11.13 -4.75
N TRP A 134 21.37 -11.62 -3.93
CA TRP A 134 19.97 -11.69 -4.34
C TRP A 134 19.26 -10.36 -4.19
N ASP A 135 19.73 -9.48 -3.28
CA ASP A 135 19.08 -8.19 -3.21
C ASP A 135 19.34 -7.52 -4.52
N GLY A 136 20.57 -7.67 -5.02
CA GLY A 136 20.93 -7.02 -6.27
C GLY A 136 20.23 -7.63 -7.46
N ALA A 137 20.16 -8.95 -7.49
CA ALA A 137 19.50 -9.62 -8.58
C ALA A 137 17.98 -9.25 -8.53
N TYR A 138 17.46 -9.05 -7.33
CA TYR A 138 16.05 -8.66 -7.22
C TYR A 138 15.83 -7.28 -7.82
N TYR A 139 16.72 -6.35 -7.51
CA TYR A 139 16.58 -5.02 -8.05
C TYR A 139 16.57 -5.07 -9.57
N GLU A 140 17.48 -5.84 -10.15
CA GLU A 140 17.51 -5.88 -11.63
C GLU A 140 16.25 -6.55 -12.18
N ALA A 141 15.81 -7.62 -11.53
CA ALA A 141 14.60 -8.36 -11.93
C ALA A 141 13.38 -7.43 -11.88
N ALA A 142 13.26 -6.68 -10.79
CA ALA A 142 12.10 -5.77 -10.63
C ALA A 142 12.07 -4.65 -11.66
N GLU A 143 13.25 -4.21 -12.16
CA GLU A 143 13.22 -3.15 -13.12
C GLU A 143 12.48 -3.62 -14.34
N GLN A 144 12.63 -4.89 -14.67
CA GLN A 144 11.93 -5.43 -15.82
C GLN A 144 10.51 -5.92 -15.49
N ASP A 145 10.37 -6.58 -14.34
CA ASP A 145 9.08 -7.19 -13.96
C ASP A 145 7.99 -6.28 -13.39
N LEU A 146 8.35 -5.13 -12.83
CA LEU A 146 7.32 -4.21 -12.32
C LEU A 146 6.47 -3.77 -13.54
N PRO A 147 7.10 -3.35 -14.65
CA PRO A 147 6.32 -2.94 -15.82
C PRO A 147 5.45 -4.13 -16.36
N LEU A 148 5.95 -5.36 -16.28
CA LEU A 148 5.22 -6.54 -16.79
C LEU A 148 4.06 -6.85 -15.86
N LEU A 149 4.27 -6.66 -14.56
CA LEU A 149 3.19 -6.84 -13.61
C LEU A 149 2.10 -5.81 -13.88
N ALA A 150 2.48 -4.54 -14.12
CA ALA A 150 1.46 -3.55 -14.43
C ALA A 150 0.76 -3.94 -15.72
N GLU A 151 1.51 -4.44 -16.69
CA GLU A 151 0.90 -4.86 -17.94
C GLU A 151 -0.16 -5.94 -17.69
N HIS A 152 0.14 -6.93 -16.84
CA HIS A 152 -0.83 -7.99 -16.54
C HIS A 152 -2.05 -7.41 -15.85
N ILE A 153 -1.84 -6.47 -14.93
CA ILE A 153 -2.98 -5.86 -14.25
C ILE A 153 -3.89 -5.12 -15.23
N GLN A 154 -3.25 -4.34 -16.11
CA GLN A 154 -3.96 -3.59 -17.15
C GLN A 154 -4.80 -4.46 -18.06
N SER A 155 -4.31 -5.68 -18.32
CA SER A 155 -4.95 -6.65 -19.18
C SER A 155 -6.00 -7.51 -18.48
N ASN A 156 -6.07 -7.40 -17.16
CA ASN A 156 -7.02 -8.19 -16.38
C ASN A 156 -7.57 -7.23 -15.37
N TRP A 157 -7.92 -6.05 -15.85
CA TRP A 157 -8.38 -5.04 -14.94
C TRP A 157 -9.44 -5.45 -13.94
N GLU A 158 -10.46 -6.17 -14.40
CA GLU A 158 -11.55 -6.56 -13.54
C GLU A 158 -11.13 -7.33 -12.29
N THR A 159 -10.19 -8.26 -12.47
CA THR A 159 -9.66 -9.03 -11.37
C THR A 159 -9.08 -8.10 -10.28
N PHE A 160 -8.44 -7.01 -10.71
CA PHE A 160 -7.81 -6.09 -9.77
C PHE A 160 -8.59 -4.88 -9.33
N ALA A 161 -9.52 -4.43 -10.17
CA ALA A 161 -10.32 -3.25 -9.88
C ALA A 161 -11.52 -3.50 -8.98
N HIS A 162 -11.96 -4.74 -8.96
CA HIS A 162 -13.13 -5.08 -8.19
C HIS A 162 -12.78 -5.50 -6.80
N ILE A 163 -13.20 -4.69 -5.84
CA ILE A 163 -12.92 -4.96 -4.42
C ILE A 163 -14.25 -5.15 -3.68
N GLY A 164 -14.65 -6.40 -3.47
CA GLY A 164 -15.91 -6.66 -2.80
C GLY A 164 -16.13 -8.11 -2.39
N ALA B 4 -18.18 -1.80 -0.76
CA ALA B 4 -17.50 -2.43 -1.93
C ALA B 4 -17.02 -1.32 -2.89
N LEU B 5 -15.97 -1.61 -3.66
CA LEU B 5 -15.43 -0.63 -4.60
C LEU B 5 -15.12 -1.22 -5.97
N THR B 6 -15.08 -0.31 -6.94
CA THR B 6 -14.69 -0.65 -8.30
C THR B 6 -13.91 0.59 -8.73
N LEU B 7 -12.62 0.36 -8.92
CA LEU B 7 -11.71 1.40 -9.33
C LEU B 7 -11.92 1.65 -10.82
N PRO B 8 -11.84 2.91 -11.24
CA PRO B 8 -12.01 3.24 -12.66
C PRO B 8 -10.84 2.77 -13.52
N GLU B 9 -11.15 2.54 -14.80
CA GLU B 9 -10.20 2.06 -15.82
C GLU B 9 -9.06 2.98 -16.05
N ASP B 10 -9.28 4.26 -15.78
CA ASP B 10 -8.25 5.24 -16.02
C ASP B 10 -7.00 5.01 -15.17
N ILE B 11 -7.15 4.32 -14.06
CA ILE B 11 -6.01 4.05 -13.18
C ILE B 11 -5.02 3.11 -13.90
N ARG B 12 -5.52 2.28 -14.82
CA ARG B 12 -4.64 1.38 -15.58
C ARG B 12 -3.47 2.06 -16.30
N GLN B 13 -3.60 3.32 -16.66
CA GLN B 13 -2.53 4.02 -17.38
C GLN B 13 -1.37 4.48 -16.52
N GLN B 14 -1.54 4.48 -15.20
CA GLN B 14 -0.51 4.99 -14.30
C GLN B 14 0.88 4.32 -14.42
N GLU B 15 1.94 5.03 -14.09
CA GLU B 15 3.30 4.44 -14.07
C GLU B 15 3.17 3.27 -13.04
N PRO B 16 3.91 2.17 -13.23
CA PRO B 16 3.83 0.99 -12.33
C PRO B 16 3.84 1.23 -10.84
N SER B 17 4.77 2.05 -10.36
CA SER B 17 4.84 2.28 -8.91
C SER B 17 3.60 3.02 -8.41
N ALA B 18 3.08 3.95 -9.22
CA ALA B 18 1.85 4.69 -8.86
C ALA B 18 0.66 3.71 -8.85
N LEU B 19 0.59 2.88 -9.87
CA LEU B 19 -0.49 1.89 -9.97
C LEU B 19 -0.49 1.00 -8.70
N LEU B 20 0.66 0.48 -8.29
CA LEU B 20 0.70 -0.39 -7.09
C LEU B 20 0.35 0.36 -5.81
N TYR B 21 0.85 1.60 -5.69
CA TYR B 21 0.45 2.41 -4.51
C TYR B 21 -1.08 2.61 -4.51
N THR B 22 -1.68 2.90 -5.67
CA THR B 22 -3.12 3.07 -5.76
C THR B 22 -3.90 1.81 -5.32
N LEU B 23 -3.47 0.68 -5.84
CA LEU B 23 -4.13 -0.59 -5.53
C LEU B 23 -3.95 -0.99 -4.10
N VAL B 24 -2.71 -0.94 -3.59
CA VAL B 24 -2.53 -1.32 -2.19
C VAL B 24 -3.32 -0.41 -1.28
N SER B 25 -3.28 0.91 -1.55
CA SER B 25 -4.02 1.82 -0.67
C SER B 25 -5.54 1.58 -0.73
N ALA B 26 -6.07 1.32 -1.92
CA ALA B 26 -7.55 1.09 -2.04
C ALA B 26 -7.94 -0.24 -1.34
N TYR B 27 -7.15 -1.29 -1.55
CA TYR B 27 -7.45 -2.59 -0.93
C TYR B 27 -7.40 -2.44 0.59
N LEU B 28 -6.39 -1.73 1.07
CA LEU B 28 -6.28 -1.56 2.50
C LEU B 28 -7.42 -0.70 3.04
N GLU B 29 -7.74 0.42 2.39
CA GLU B 29 -8.84 1.26 2.88
C GLU B 29 -10.17 0.46 2.90
N HIS B 30 -10.32 -0.41 1.94
CA HIS B 30 -11.55 -1.21 1.87
C HIS B 30 -11.59 -2.11 3.12
N THR B 31 -10.49 -2.79 3.44
CA THR B 31 -10.46 -3.62 4.66
C THR B 31 -10.65 -2.79 5.92
N ALA B 32 -10.14 -1.55 5.94
CA ALA B 32 -10.28 -0.74 7.15
C ALA B 32 -11.72 -0.35 7.44
N GLN B 33 -12.51 -0.22 6.40
CA GLN B 33 -13.93 0.15 6.52
C GLN B 33 -14.74 -1.07 6.83
N THR B 34 -14.71 -2.03 5.91
CA THR B 34 -15.44 -3.27 6.08
C THR B 34 -15.01 -4.00 7.36
N GLY B 35 -13.90 -4.72 7.25
CA GLY B 35 -13.35 -5.54 8.33
C GLY B 35 -13.54 -5.27 9.81
N ASP B 36 -14.09 -6.25 10.51
CA ASP B 36 -14.25 -6.10 11.94
C ASP B 36 -12.85 -6.37 12.51
N GLU B 37 -12.71 -6.33 13.83
CA GLU B 37 -11.41 -6.54 14.51
C GLU B 37 -10.69 -7.82 14.10
N SER B 38 -11.46 -8.80 13.60
CA SER B 38 -10.90 -10.08 13.16
C SER B 38 -10.17 -9.89 11.81
N LEU B 39 -10.85 -9.24 10.87
CA LEU B 39 -10.26 -8.98 9.56
C LEU B 39 -9.13 -7.94 9.61
N SER B 40 -9.39 -6.82 10.29
CA SER B 40 -8.41 -5.72 10.36
C SER B 40 -7.83 -5.37 11.74
N CYS B 41 -6.50 -5.47 11.83
CA CYS B 41 -5.81 -5.17 13.08
C CYS B 41 -5.30 -3.74 13.21
N LEU B 42 -5.73 -2.85 12.32
CA LEU B 42 -5.27 -1.45 12.39
C LEU B 42 -5.72 -0.65 13.62
N SER B 43 -4.79 0.05 14.26
CA SER B 43 -5.11 0.94 15.37
C SER B 43 -5.74 2.26 14.78
N ASP B 44 -6.21 3.16 15.63
CA ASP B 44 -6.79 4.43 15.17
C ASP B 44 -5.81 5.21 14.31
N ASP B 45 -4.58 5.29 14.78
CA ASP B 45 -3.64 6.08 14.02
C ASP B 45 -3.27 5.44 12.67
N GLN B 46 -3.16 4.12 12.66
CA GLN B 46 -2.85 3.43 11.42
C GLN B 46 -4.04 3.57 10.47
N HIS B 47 -5.25 3.68 11.02
CA HIS B 47 -6.48 3.90 10.20
C HIS B 47 -6.37 5.32 9.52
N THR B 48 -5.98 6.30 10.32
CA THR B 48 -5.83 7.65 9.79
C THR B 48 -4.81 7.64 8.67
N LEU B 49 -3.69 6.94 8.87
CA LEU B 49 -2.65 6.92 7.84
C LEU B 49 -3.21 6.26 6.57
N THR B 50 -3.93 5.16 6.76
CA THR B 50 -4.57 4.41 5.65
C THR B 50 -5.47 5.30 4.83
N ALA B 51 -6.34 6.04 5.51
CA ALA B 51 -7.26 6.95 4.81
C ALA B 51 -6.43 8.01 4.03
N PHE B 52 -5.39 8.54 4.68
CA PHE B 52 -4.56 9.53 3.99
C PHE B 52 -3.95 8.93 2.69
N CYS B 53 -3.38 7.72 2.77
CA CYS B 53 -2.79 7.11 1.52
C CYS B 53 -3.84 6.87 0.46
N TYR B 54 -5.07 6.55 0.87
CA TYR B 54 -6.17 6.37 -0.07
C TYR B 54 -6.43 7.70 -0.77
N LEU B 55 -6.64 8.74 0.04
CA LEU B 55 -6.80 10.08 -0.50
C LEU B 55 -5.69 10.45 -1.50
N ASP B 56 -4.46 10.34 -0.99
CA ASP B 56 -3.26 10.77 -1.77
C ASP B 56 -3.08 9.99 -3.08
N SER B 57 -3.10 8.66 -2.98
CA SER B 57 -2.97 7.84 -4.18
C SER B 57 -4.08 8.13 -5.20
N GLN B 58 -5.31 8.43 -4.73
CA GLN B 58 -6.42 8.72 -5.64
C GLN B 58 -6.35 10.12 -6.25
N VAL B 59 -6.10 11.11 -5.39
CA VAL B 59 -6.10 12.47 -5.89
C VAL B 59 -4.84 12.85 -6.66
N GLU B 60 -3.65 12.40 -6.22
CA GLU B 60 -2.37 12.78 -6.89
C GLU B 60 -2.36 12.39 -8.37
N GLU B 61 -3.27 11.48 -8.75
CA GLU B 61 -3.39 10.97 -10.11
C GLU B 61 -4.72 11.27 -10.83
N GLY B 62 -5.89 10.93 -10.24
CA GLY B 62 -7.16 11.21 -10.91
C GLY B 62 -7.99 12.35 -10.37
N GLY B 63 -7.44 13.03 -9.36
CA GLY B 63 -8.17 14.13 -8.80
C GLY B 63 -9.31 13.72 -7.88
N PHE B 64 -9.96 14.74 -7.32
CA PHE B 64 -11.08 14.50 -6.42
C PHE B 64 -12.26 13.83 -7.10
N VAL B 65 -12.48 14.12 -8.38
CA VAL B 65 -13.57 13.43 -9.06
C VAL B 65 -13.32 11.91 -9.05
N GLN B 66 -12.08 11.55 -9.35
CA GLN B 66 -11.77 10.13 -9.33
C GLN B 66 -12.01 9.60 -7.92
N LEU B 67 -11.52 10.28 -6.90
CA LEU B 67 -11.73 9.80 -5.53
C LEU B 67 -13.22 9.60 -5.24
N ILE B 68 -14.00 10.61 -5.54
CA ILE B 68 -15.41 10.55 -5.26
C ILE B 68 -16.07 9.42 -6.03
N ALA B 69 -15.72 9.28 -7.30
CA ALA B 69 -16.29 8.21 -8.13
C ALA B 69 -16.00 6.83 -7.55
N SER B 70 -14.89 6.66 -6.83
CA SER B 70 -14.59 5.35 -6.25
C SER B 70 -15.62 5.04 -5.13
N GLY B 71 -16.37 6.06 -4.69
CA GLY B 71 -17.41 5.87 -3.69
C GLY B 71 -17.12 5.98 -2.17
N TYR B 72 -15.86 6.20 -1.77
CA TYR B 72 -15.51 6.34 -0.35
C TYR B 72 -15.31 7.81 0.08
N GLY B 73 -15.93 8.73 -0.65
CA GLY B 73 -15.81 10.14 -0.32
C GLY B 73 -16.30 10.42 1.10
N GLU B 74 -17.35 9.73 1.54
CA GLU B 74 -17.83 9.96 2.88
C GLU B 74 -16.77 9.75 3.96
N TYR B 75 -15.90 8.77 3.80
CA TYR B 75 -14.83 8.42 4.77
C TYR B 75 -13.67 9.42 4.76
N ILE B 76 -13.64 10.23 3.72
CA ILE B 76 -12.64 11.20 3.64
C ILE B 76 -13.18 12.55 4.11
N PHE B 77 -14.40 12.86 3.73
CA PHE B 77 -14.99 14.14 4.05
C PHE B 77 -15.91 14.19 5.28
N ARG B 78 -16.66 13.13 5.59
CA ARG B 78 -17.58 13.21 6.75
C ARG B 78 -16.81 12.74 8.02
N ASN B 79 -15.95 11.72 7.91
CA ASN B 79 -15.14 11.29 9.07
C ASN B 79 -14.17 12.47 9.25
N PRO B 80 -13.65 12.66 10.46
CA PRO B 80 -12.73 13.78 10.70
C PRO B 80 -11.30 13.55 10.24
N LEU B 81 -11.09 13.19 8.98
CA LEU B 81 -9.69 12.94 8.55
C LEU B 81 -8.91 14.25 8.62
N ALA B 82 -9.55 15.31 8.13
CA ALA B 82 -8.87 16.61 8.13
C ALA B 82 -8.45 16.94 9.58
N ASP B 83 -9.37 16.78 10.54
CA ASP B 83 -8.98 17.13 11.93
C ASP B 83 -8.01 16.13 12.54
N SER B 84 -8.14 14.84 12.20
CA SER B 84 -7.18 13.84 12.66
C SER B 84 -5.79 14.19 12.16
N LEU B 85 -5.67 14.66 10.90
CA LEU B 85 -4.35 15.06 10.41
C LEU B 85 -3.85 16.32 11.13
N ARG B 86 -4.74 17.28 11.38
CA ARG B 86 -4.31 18.50 12.08
C ARG B 86 -3.69 18.14 13.43
N ARG B 87 -4.27 17.14 14.10
CA ARG B 87 -3.75 16.69 15.39
C ARG B 87 -2.31 16.24 15.24
N TRP B 88 -1.88 15.90 14.02
CA TRP B 88 -0.49 15.49 13.81
C TRP B 88 0.35 16.68 13.28
N LYS B 89 -0.19 17.89 13.41
CA LYS B 89 0.49 19.12 12.98
C LYS B 89 0.60 19.26 11.46
N ILE B 90 -0.35 18.66 10.76
CA ILE B 90 -0.39 18.71 9.29
C ILE B 90 -1.57 19.66 9.04
N LYS B 91 -1.34 20.74 8.31
CA LYS B 91 -2.36 21.78 8.09
C LYS B 91 -2.80 22.08 6.66
N ALA B 92 -1.92 21.89 5.68
CA ALA B 92 -2.28 22.23 4.32
C ALA B 92 -3.25 21.26 3.68
N VAL B 93 -3.02 19.96 3.90
CA VAL B 93 -3.93 18.96 3.33
C VAL B 93 -5.28 19.13 3.96
N PRO B 94 -5.36 19.25 5.30
CA PRO B 94 -6.70 19.44 5.91
C PRO B 94 -7.46 20.63 5.38
N LYS B 95 -6.77 21.76 5.16
CA LYS B 95 -7.45 22.95 4.63
C LYS B 95 -8.03 22.62 3.26
N VAL B 96 -7.29 21.90 2.43
CA VAL B 96 -7.81 21.55 1.11
C VAL B 96 -9.03 20.65 1.26
N LEU B 97 -8.94 19.72 2.17
CA LEU B 97 -10.10 18.86 2.37
C LEU B 97 -11.31 19.70 2.77
N ASP B 98 -11.13 20.65 3.70
CA ASP B 98 -12.26 21.49 4.16
C ASP B 98 -12.88 22.26 2.98
N LYS B 99 -12.05 22.75 2.07
CA LYS B 99 -12.54 23.48 0.91
C LYS B 99 -13.19 22.58 -0.10
N ALA B 100 -12.58 21.44 -0.36
CA ALA B 100 -13.15 20.54 -1.34
C ALA B 100 -14.46 19.94 -0.81
N LYS B 101 -14.63 19.87 0.51
CA LYS B 101 -15.85 19.27 1.03
C LYS B 101 -17.13 19.94 0.50
N ALA B 102 -17.08 21.25 0.33
CA ALA B 102 -18.29 21.95 -0.13
C ALA B 102 -18.71 21.42 -1.53
N LEU B 103 -17.73 21.18 -2.41
CA LEU B 103 -18.02 20.65 -3.74
C LEU B 103 -18.48 19.17 -3.68
N TYR B 104 -17.94 18.41 -2.71
CA TYR B 104 -18.33 17.03 -2.55
C TYR B 104 -19.80 17.03 -2.08
N GLU B 105 -20.14 17.94 -1.17
CA GLU B 105 -21.55 17.97 -0.69
C GLU B 105 -22.48 18.38 -1.81
N GLN B 106 -22.01 19.30 -2.63
CA GLN B 106 -22.83 19.76 -3.74
C GLN B 106 -23.01 18.73 -4.86
N HIS B 107 -21.89 18.15 -5.31
CA HIS B 107 -21.86 17.25 -6.47
C HIS B 107 -21.60 15.77 -6.19
N GLY B 108 -21.30 15.40 -4.95
CA GLY B 108 -20.93 14.05 -4.61
C GLY B 108 -21.89 12.94 -4.91
N LYS B 109 -23.13 13.13 -4.50
CA LYS B 109 -24.15 12.14 -4.75
C LYS B 109 -24.31 11.85 -6.27
N THR B 110 -24.30 12.92 -7.07
CA THR B 110 -24.42 12.82 -8.50
C THR B 110 -23.24 12.09 -9.08
N ILE B 111 -22.04 12.43 -8.62
CA ILE B 111 -20.86 11.75 -9.15
C ILE B 111 -20.91 10.25 -8.79
N GLU B 112 -21.26 9.95 -7.55
CA GLU B 112 -21.29 8.53 -7.15
C GLU B 112 -22.34 7.76 -7.98
N THR B 113 -23.51 8.39 -8.13
CA THR B 113 -24.62 7.79 -8.89
C THR B 113 -24.22 7.55 -10.35
N LEU B 114 -23.59 8.53 -11.00
CA LEU B 114 -23.20 8.37 -12.39
C LEU B 114 -22.09 7.32 -12.49
N ALA B 115 -21.12 7.32 -11.56
CA ALA B 115 -20.08 6.31 -11.66
C ALA B 115 -20.73 4.92 -11.49
N ASP B 116 -21.73 4.83 -10.60
CA ASP B 116 -22.39 3.51 -10.42
C ASP B 116 -23.06 3.07 -11.71
N GLY B 117 -23.64 4.05 -12.42
CA GLY B 117 -24.34 3.81 -13.66
C GLY B 117 -23.45 3.59 -14.88
N GLY B 118 -22.13 3.68 -14.70
CA GLY B 118 -21.18 3.39 -15.74
C GLY B 118 -20.47 4.55 -16.36
N ALA B 119 -20.54 5.74 -15.76
CA ALA B 119 -19.88 6.90 -16.32
C ALA B 119 -18.36 6.75 -16.17
N ASP B 120 -17.59 7.19 -17.16
CA ASP B 120 -16.15 7.05 -17.01
C ASP B 120 -15.57 8.34 -16.45
N ILE B 121 -14.34 8.30 -15.97
CA ILE B 121 -13.70 9.47 -15.36
C ILE B 121 -13.53 10.69 -16.25
N PRO B 122 -13.07 10.47 -17.48
CA PRO B 122 -12.89 11.61 -18.39
C PRO B 122 -14.21 12.36 -18.58
N SER B 123 -15.32 11.64 -18.65
CA SER B 123 -16.64 12.31 -18.77
C SER B 123 -17.09 12.99 -17.51
N LEU B 124 -16.80 12.38 -16.36
CA LEU B 124 -17.18 13.01 -15.09
C LEU B 124 -16.31 14.22 -14.87
N ARG B 125 -15.02 14.14 -15.24
CA ARG B 125 -14.17 15.32 -15.05
C ARG B 125 -14.62 16.49 -15.98
N LYS B 126 -15.16 16.16 -17.15
CA LYS B 126 -15.65 17.18 -18.06
C LYS B 126 -16.87 17.83 -17.45
N GLN B 127 -17.74 17.06 -16.80
CA GLN B 127 -18.94 17.68 -16.23
C GLN B 127 -18.70 18.43 -14.91
N PHE B 128 -17.66 18.04 -14.17
CA PHE B 128 -17.38 18.66 -12.86
C PHE B 128 -15.98 19.27 -12.81
N PRO B 129 -15.74 20.27 -13.66
CA PRO B 129 -14.41 20.85 -13.63
C PRO B 129 -14.10 21.70 -12.41
N GLU B 130 -15.09 21.99 -11.59
CA GLU B 130 -14.92 22.77 -10.38
C GLU B 130 -13.87 22.17 -9.42
N PHE B 131 -13.65 20.87 -9.51
CA PHE B 131 -12.65 20.22 -8.67
C PHE B 131 -11.20 20.42 -9.11
N GLU B 132 -10.99 20.84 -10.35
CA GLU B 132 -9.61 21.02 -10.85
C GLU B 132 -8.79 21.96 -9.97
N GLU B 133 -9.36 23.07 -9.56
CA GLU B 133 -8.57 23.99 -8.74
C GLU B 133 -8.13 23.34 -7.40
N TRP B 134 -8.97 22.48 -6.86
CA TRP B 134 -8.63 21.83 -5.59
C TRP B 134 -7.69 20.66 -5.81
N ASP B 135 -7.72 20.05 -6.99
CA ASP B 135 -6.76 18.99 -7.31
C ASP B 135 -5.38 19.69 -7.30
N GLY B 136 -5.30 20.88 -7.91
CA GLY B 136 -4.02 21.60 -7.89
C GLY B 136 -3.60 21.97 -6.48
N ALA B 137 -4.55 22.49 -5.70
CA ALA B 137 -4.22 22.86 -4.31
C ALA B 137 -3.75 21.64 -3.48
N TYR B 138 -4.38 20.49 -3.73
CA TYR B 138 -4.00 19.29 -3.04
C TYR B 138 -2.56 18.92 -3.39
N TYR B 139 -2.20 18.95 -4.67
CA TYR B 139 -0.81 18.60 -5.02
C TYR B 139 0.21 19.49 -4.24
N GLU B 140 -0.10 20.79 -4.19
CA GLU B 140 0.76 21.75 -3.47
C GLU B 140 0.83 21.47 -1.96
N ALA B 141 -0.34 21.19 -1.38
CA ALA B 141 -0.44 20.90 0.07
C ALA B 141 0.30 19.58 0.40
N ALA B 142 0.15 18.58 -0.45
CA ALA B 142 0.81 17.28 -0.19
C ALA B 142 2.32 17.38 -0.34
N GLU B 143 2.78 18.26 -1.23
CA GLU B 143 4.24 18.39 -1.44
C GLU B 143 4.82 18.88 -0.16
N GLN B 144 4.12 19.82 0.47
CA GLN B 144 4.59 20.35 1.72
C GLN B 144 4.39 19.39 2.90
N ASP B 145 3.22 18.75 2.92
CA ASP B 145 2.87 17.89 4.07
C ASP B 145 3.37 16.46 4.10
N LEU B 146 3.77 15.93 2.97
CA LEU B 146 4.31 14.58 3.00
C LEU B 146 5.51 14.47 3.93
N PRO B 147 6.47 15.45 3.88
CA PRO B 147 7.63 15.35 4.75
C PRO B 147 7.25 15.48 6.21
N LEU B 148 6.21 16.28 6.48
CA LEU B 148 5.74 16.46 7.86
C LEU B 148 5.04 15.18 8.36
N LEU B 149 4.32 14.51 7.48
CA LEU B 149 3.67 13.26 7.86
C LEU B 149 4.77 12.23 8.22
N ALA B 150 5.80 12.16 7.37
CA ALA B 150 6.93 11.27 7.59
C ALA B 150 7.63 11.60 8.95
N GLU B 151 7.77 12.89 9.28
CA GLU B 151 8.40 13.26 10.56
C GLU B 151 7.53 12.78 11.70
N HIS B 152 6.22 12.89 11.53
CA HIS B 152 5.34 12.43 12.60
C HIS B 152 5.49 10.94 12.83
N ILE B 153 5.55 10.19 11.75
CA ILE B 153 5.67 8.70 11.82
C ILE B 153 7.00 8.36 12.47
N GLN B 154 8.05 9.07 12.04
CA GLN B 154 9.40 8.85 12.57
C GLN B 154 9.50 9.14 14.06
N SER B 155 8.69 10.09 14.55
CA SER B 155 8.67 10.53 15.95
C SER B 155 7.73 9.74 16.82
N ASN B 156 6.92 8.88 16.20
CA ASN B 156 5.93 8.06 16.91
C ASN B 156 6.09 6.68 16.30
N TRP B 157 7.32 6.24 16.17
CA TRP B 157 7.53 4.98 15.49
C TRP B 157 6.78 3.77 16.02
N GLU B 158 6.69 3.61 17.34
CA GLU B 158 6.03 2.43 17.87
C GLU B 158 4.60 2.31 17.43
N THR B 159 3.92 3.46 17.28
CA THR B 159 2.52 3.52 16.82
C THR B 159 2.39 2.94 15.41
N PHE B 160 3.39 3.16 14.59
CA PHE B 160 3.27 2.68 13.20
C PHE B 160 4.02 1.38 12.82
N ALA B 161 4.96 0.96 13.65
CA ALA B 161 5.85 -0.14 13.35
C ALA B 161 5.27 -1.52 13.61
N HIS B 162 4.23 -1.59 14.41
CA HIS B 162 3.68 -2.87 14.81
C HIS B 162 2.27 -3.12 14.36
N ILE B 163 2.03 -4.27 13.72
CA ILE B 163 0.67 -4.66 13.32
C ILE B 163 0.41 -6.06 13.77
N GLY B 164 -0.77 -6.28 14.34
CA GLY B 164 -1.16 -7.61 14.74
C GLY B 164 -0.70 -8.11 16.10
N GLN B 165 -1.05 -9.36 16.39
CA GLN B 165 -0.67 -9.93 17.66
C GLN B 165 0.05 -11.26 17.49
N ALA B 166 1.12 -11.44 18.26
CA ALA B 166 1.93 -12.65 18.25
C ALA B 166 1.60 -13.46 19.50
#